data_6YXM
#
_entry.id   6YXM
#
_cell.length_a   53.010
_cell.length_b   89.650
_cell.length_c   118.680
_cell.angle_alpha   90.000
_cell.angle_beta   90.000
_cell.angle_gamma   90.000
#
_symmetry.space_group_name_H-M   'P 21 21 21'
#
loop_
_entity.id
_entity.type
_entity.pdbx_description
1 polymer CII-C-39-CIT
2 polymer 'ACPA 1F2 Fab fragment - heavy chain'
3 polymer 'ACPA 1F2 Fab fragment - light chain'
4 branched beta-D-mannopyranose-(1-4)-2-acetamido-2-deoxy-beta-D-glucopyranose-(1-4)-[alpha-L-fucopyranose-(1-6)]2-acetamido-2-deoxy-beta-D-glucopyranose
5 non-polymer 'ZINC ION'
6 water water
#
loop_
_entity_poly.entity_id
_entity_poly.type
_entity_poly.pdbx_seq_one_letter_code
_entity_poly.pdbx_strand_id
1 'polypeptide(L)' LPGQ(CIR)GERG BBB
2 'polypeptide(L)'
;QVHLEQSGSELKKPGASVTISCKTSGYNFSHFAINWVRQAPGQGLQWMGWINTKTANLTYAQTFTGRFVFSFDTSVSTAY
LHIHGLKTEDTAMYYCVRGGSLGIFGGSVGYWGQGALVSVSSAKTTPPSVYPLAPGCGDTTGSSVTLGCLVKGYFPESVT
VTWNSGSLSSSVHTFPALLQSGLYTMSSSVTVPSSTWPSQTVTCSVAHPASSTTVDKKIEPR
;
HHH
3 'polypeptide(L)'
;NLTLIQSRSVSGSPGQTVSISCTANGAHIGDSYVQWFQQRPGSAPRSVIFEDDKRPSGVPDRLSGSTDFSSNSASLTISG
LESEDEADYYCQSYYRGDWVLGGGTKLTVLGQPKSSPSVTLFPPSSEELETNKATLVCTITDFYPGVVTVDWKVDGTPVT
QGMETTQPSKQSNNKYMASSYLTLTARAWERHSSYSCQVTHEGHTVEKSLSR
;
LLL
#
loop_
_chem_comp.id
_chem_comp.type
_chem_comp.name
_chem_comp.formula
BMA D-saccharide, beta linking beta-D-mannopyranose 'C6 H12 O6'
FUC L-saccharide, alpha linking alpha-L-fucopyranose 'C6 H12 O5'
NAG D-saccharide, beta linking 2-acetamido-2-deoxy-beta-D-glucopyranose 'C8 H15 N O6'
ZN non-polymer 'ZINC ION' 'Zn 2'
#
# COMPACT_ATOMS: atom_id res chain seq x y z
N LEU A 1 21.96 19.50 -26.21
CA LEU A 1 22.81 19.77 -25.01
C LEU A 1 22.61 18.64 -23.99
N PRO A 2 21.53 18.60 -23.15
CA PRO A 2 21.41 17.58 -22.11
C PRO A 2 21.24 16.16 -22.67
N GLY A 3 22.05 15.21 -22.20
CA GLY A 3 22.06 13.82 -22.68
C GLY A 3 21.66 12.80 -21.60
N GLN A 4 20.94 13.23 -20.55
CA GLN A 4 20.54 12.34 -19.43
C GLN A 4 19.04 12.51 -19.16
C CIR A 5 16.39 12.38 -17.68
O CIR A 5 16.99 12.01 -16.63
CA CIR A 5 16.71 11.64 -18.95
N CIR A 5 18.14 11.55 -19.14
C3 CIR A 5 16.13 10.24 -18.83
C4 CIR A 5 14.98 10.05 -19.78
C5 CIR A 5 13.80 9.33 -19.15
N6 CIR A 5 14.10 8.24 -18.24
C7 CIR A 5 13.16 7.65 -17.51
O7 CIR A 5 13.47 6.83 -16.69
N8 CIR A 5 11.89 7.99 -17.60
H2 CIR A 5 18.72 11.24 -18.39
HA CIR A 5 16.26 12.17 -19.79
H CIR A 5 18.52 11.78 -20.05
H31 CIR A 5 16.91 9.51 -19.05
H32 CIR A 5 15.79 10.07 -17.81
H41 CIR A 5 14.62 11.01 -20.16
H42 CIR A 5 15.32 9.48 -20.65
H51 CIR A 5 13.20 10.08 -18.64
H52 CIR A 5 13.19 8.93 -19.97
HN6 CIR A 5 15.06 7.93 -18.14
HN81 CIR A 5 11.58 8.68 -18.26
HN82 CIR A 5 11.22 7.53 -17.01
N GLY A 6 15.76 13.54 -17.77
CA GLY A 6 15.22 14.23 -16.57
C GLY A 6 16.12 15.37 -16.11
N GLU A 7 17.38 15.39 -16.55
CA GLU A 7 18.40 16.42 -16.21
C GLU A 7 18.16 17.65 -17.06
N ARG A 8 17.56 18.70 -16.49
CA ARG A 8 17.22 19.95 -17.21
C ARG A 8 16.95 21.03 -16.14
N GLY A 9 15.86 21.80 -16.25
CA GLY A 9 15.40 22.76 -15.23
C GLY A 9 14.29 22.17 -14.36
N GLN B 1 -4.02 11.69 -29.89
CA GLN B 1 -3.61 11.50 -28.45
C GLN B 1 -2.77 10.20 -28.33
N VAL B 2 -2.44 9.79 -27.10
CA VAL B 2 -1.46 8.70 -26.79
C VAL B 2 -2.16 7.62 -25.96
N HIS B 3 -1.92 6.34 -26.29
CA HIS B 3 -2.50 5.18 -25.59
C HIS B 3 -1.40 4.13 -25.33
N LEU B 4 -1.24 3.72 -24.08
CA LEU B 4 -0.43 2.54 -23.67
C LEU B 4 -1.41 1.41 -23.30
N GLU B 5 -1.32 0.27 -23.98
CA GLU B 5 -2.26 -0.87 -23.80
C GLU B 5 -1.46 -2.09 -23.35
N GLN B 6 -1.97 -2.80 -22.34
CA GLN B 6 -1.25 -3.88 -21.63
C GLN B 6 -1.98 -5.22 -21.80
N SER B 7 -1.21 -6.31 -21.78
CA SER B 7 -1.67 -7.71 -21.67
C SER B 7 -2.72 -7.84 -20.57
N GLY B 8 -3.51 -8.92 -20.61
CA GLY B 8 -4.49 -9.28 -19.58
C GLY B 8 -3.82 -9.69 -18.27
N SER B 9 -4.64 -10.02 -17.28
CA SER B 9 -4.23 -10.61 -15.97
C SER B 9 -3.45 -11.92 -16.21
N GLU B 10 -2.45 -12.18 -15.36
CA GLU B 10 -1.74 -13.49 -15.28
C GLU B 10 -2.02 -14.08 -13.89
N LEU B 11 -2.89 -15.09 -13.83
CA LEU B 11 -3.15 -15.90 -12.61
C LEU B 11 -2.35 -17.20 -12.74
N LYS B 12 -1.22 -17.30 -12.02
CA LYS B 12 -0.16 -18.31 -12.25
C LYS B 12 0.11 -19.11 -10.96
N LYS B 13 0.84 -20.22 -11.09
CA LYS B 13 1.41 -20.99 -9.96
C LYS B 13 2.82 -20.49 -9.69
N PRO B 14 3.31 -20.55 -8.43
CA PRO B 14 4.65 -20.07 -8.11
C PRO B 14 5.76 -20.91 -8.75
N GLY B 15 6.67 -20.25 -9.47
CA GLY B 15 7.77 -20.88 -10.23
C GLY B 15 7.58 -20.74 -11.72
N ALA B 16 6.37 -20.38 -12.17
CA ALA B 16 6.04 -20.08 -13.57
C ALA B 16 6.73 -18.78 -14.01
N SER B 17 6.60 -18.44 -15.29
CA SER B 17 7.18 -17.20 -15.88
C SER B 17 6.12 -16.52 -16.74
N VAL B 18 6.09 -15.19 -16.73
CA VAL B 18 5.10 -14.37 -17.50
C VAL B 18 5.84 -13.28 -18.26
N THR B 19 5.29 -12.90 -19.42
CA THR B 19 5.74 -11.73 -20.21
C THR B 19 4.54 -10.80 -20.42
N ILE B 20 4.46 -9.74 -19.61
CA ILE B 20 3.48 -8.63 -19.78
C ILE B 20 3.97 -7.73 -20.92
N SER B 21 3.08 -7.39 -21.85
CA SER B 21 3.39 -6.53 -23.01
C SER B 21 2.75 -5.15 -22.80
N CYS B 22 3.32 -4.14 -23.47
CA CYS B 22 2.82 -2.74 -23.53
C CYS B 22 2.91 -2.20 -24.96
N LYS B 23 1.79 -2.22 -25.68
CA LYS B 23 1.62 -1.63 -27.04
C LYS B 23 1.37 -0.12 -26.88
N THR B 24 2.14 0.70 -27.59
CA THR B 24 2.02 2.18 -27.61
C THR B 24 1.38 2.62 -28.92
N SER B 25 0.87 3.85 -28.98
CA SER B 25 0.21 4.45 -30.18
C SER B 25 0.11 5.97 -30.02
N GLY B 26 0.26 6.70 -31.13
CA GLY B 26 0.00 8.15 -31.24
C GLY B 26 1.24 9.00 -31.01
N TYR B 27 2.43 8.41 -31.20
CA TYR B 27 3.76 9.04 -30.92
C TYR B 27 4.84 8.06 -31.37
N ASN B 28 5.97 8.58 -31.85
CA ASN B 28 7.19 7.78 -32.18
C ASN B 28 7.70 7.10 -30.90
N PHE B 29 7.59 5.77 -30.86
CA PHE B 29 7.98 4.92 -29.71
C PHE B 29 9.35 5.33 -29.15
N SER B 30 10.30 5.72 -30.02
CA SER B 30 11.72 6.00 -29.70
C SER B 30 11.93 7.39 -29.10
N HIS B 31 10.89 8.21 -29.01
CA HIS B 31 10.99 9.62 -28.53
C HIS B 31 10.94 9.66 -26.99
N PHE B 32 10.33 8.66 -26.35
CA PHE B 32 10.13 8.65 -24.88
C PHE B 32 10.43 7.26 -24.31
N ALA B 33 11.17 7.27 -23.20
CA ALA B 33 11.48 6.09 -22.36
C ALA B 33 10.16 5.47 -21.88
N ILE B 34 10.17 4.15 -21.70
CA ILE B 34 9.07 3.37 -21.07
C ILE B 34 9.54 2.97 -19.67
N ASN B 35 8.76 3.31 -18.66
CA ASN B 35 9.03 2.98 -17.24
C ASN B 35 8.08 1.87 -16.79
N TRP B 36 8.54 1.02 -15.90
CA TRP B 36 7.74 -0.05 -15.27
C TRP B 36 7.60 0.26 -13.78
N VAL B 37 6.37 0.23 -13.27
CA VAL B 37 6.00 0.58 -11.88
C VAL B 37 5.01 -0.47 -11.38
N ARG B 38 5.24 -1.04 -10.19
CA ARG B 38 4.31 -2.07 -9.64
C ARG B 38 3.63 -1.53 -8.39
N GLN B 39 2.49 -2.12 -8.07
CA GLN B 39 1.65 -1.83 -6.88
C GLN B 39 1.20 -3.16 -6.25
N ALA B 40 1.85 -3.56 -5.16
CA ALA B 40 1.44 -4.72 -4.34
C ALA B 40 0.14 -4.36 -3.62
N PRO B 41 -0.70 -5.35 -3.22
CA PRO B 41 -2.04 -5.05 -2.69
C PRO B 41 -2.00 -4.08 -1.50
N GLY B 42 -2.68 -2.93 -1.63
CA GLY B 42 -2.79 -1.90 -0.59
C GLY B 42 -1.48 -1.18 -0.34
N GLN B 43 -0.50 -1.29 -1.25
CA GLN B 43 0.82 -0.61 -1.17
C GLN B 43 0.81 0.62 -2.08
N GLY B 44 1.83 1.48 -1.93
CA GLY B 44 2.12 2.60 -2.84
C GLY B 44 2.73 2.10 -4.14
N LEU B 45 3.09 3.03 -5.04
CA LEU B 45 3.72 2.73 -6.35
C LEU B 45 5.21 2.49 -6.13
N GLN B 46 5.73 1.35 -6.59
CA GLN B 46 7.15 0.97 -6.52
C GLN B 46 7.73 1.05 -7.94
N TRP B 47 8.85 1.76 -8.12
CA TRP B 47 9.56 1.90 -9.42
C TRP B 47 10.54 0.74 -9.60
N MET B 48 10.52 0.12 -10.78
CA MET B 48 11.28 -1.12 -11.09
C MET B 48 12.46 -0.81 -12.03
N GLY B 49 12.31 0.16 -12.92
CA GLY B 49 13.35 0.52 -13.91
C GLY B 49 12.73 1.12 -15.17
N TRP B 50 13.56 1.39 -16.18
CA TRP B 50 13.12 1.97 -17.48
C TRP B 50 13.86 1.35 -18.66
N ILE B 51 13.22 1.45 -19.83
CA ILE B 51 13.77 1.08 -21.15
C ILE B 51 14.10 2.39 -21.90
N ASN B 52 15.34 2.53 -22.36
CA ASN B 52 15.73 3.61 -23.30
C ASN B 52 15.46 3.10 -24.72
N THR B 53 14.27 3.36 -25.25
CA THR B 53 13.77 2.86 -26.55
C THR B 53 14.59 3.44 -27.72
N LYS B 54 15.59 4.28 -27.45
CA LYS B 54 16.44 4.93 -28.49
C LYS B 54 17.84 4.28 -28.52
N THR B 55 18.48 4.14 -27.35
CA THR B 55 19.84 3.56 -27.19
C THR B 55 19.72 2.04 -27.02
N ALA B 56 18.59 1.57 -26.46
CA ALA B 56 18.30 0.16 -26.08
C ALA B 56 18.88 -0.18 -24.71
N ASN B 57 19.42 0.82 -23.98
CA ASN B 57 19.98 0.64 -22.61
C ASN B 57 18.81 0.41 -21.66
N LEU B 58 18.91 -0.64 -20.83
CA LEU B 58 17.90 -1.06 -19.83
C LEU B 58 18.49 -0.82 -18.44
N THR B 59 17.76 -0.11 -17.58
CA THR B 59 18.16 0.19 -16.18
C THR B 59 17.13 -0.46 -15.25
N TYR B 60 17.59 -1.28 -14.30
CA TYR B 60 16.77 -1.94 -13.25
C TYR B 60 17.03 -1.25 -11.90
N ALA B 61 15.97 -0.94 -11.16
CA ALA B 61 16.02 -0.59 -9.72
C ALA B 61 16.81 -1.69 -8.98
N GLN B 62 17.30 -1.37 -7.78
CA GLN B 62 18.11 -2.28 -6.93
C GLN B 62 17.37 -3.61 -6.72
N THR B 63 16.17 -3.56 -6.13
CA THR B 63 15.43 -4.72 -5.56
C THR B 63 14.86 -5.64 -6.66
N PHE B 64 14.85 -5.20 -7.92
CA PHE B 64 14.20 -5.90 -9.07
C PHE B 64 15.22 -6.47 -10.06
N THR B 65 16.54 -6.30 -9.82
CA THR B 65 17.61 -6.88 -10.67
C THR B 65 17.72 -8.39 -10.40
N GLY B 66 17.62 -9.20 -11.46
CA GLY B 66 17.69 -10.67 -11.39
C GLY B 66 16.56 -11.32 -12.17
N ARG B 67 15.41 -11.51 -11.52
CA ARG B 67 14.27 -12.29 -12.06
C ARG B 67 13.39 -11.43 -12.99
N PHE B 68 13.64 -10.12 -13.07
CA PHE B 68 12.87 -9.18 -13.92
C PHE B 68 13.73 -8.78 -15.12
N VAL B 69 13.17 -8.84 -16.33
CA VAL B 69 13.88 -8.57 -17.61
C VAL B 69 13.01 -7.68 -18.50
N PHE B 70 13.55 -6.53 -18.92
CA PHE B 70 12.91 -5.58 -19.85
C PHE B 70 13.36 -5.89 -21.28
N SER B 71 12.44 -5.70 -22.23
CA SER B 71 12.71 -5.70 -23.68
C SER B 71 11.63 -4.89 -24.41
N PHE B 72 11.87 -4.61 -25.68
CA PHE B 72 10.95 -3.88 -26.57
C PHE B 72 11.13 -4.41 -27.99
N ASP B 73 10.12 -4.17 -28.82
CA ASP B 73 10.19 -4.32 -30.30
C ASP B 73 9.75 -2.98 -30.89
N THR B 74 10.70 -2.21 -31.45
CA THR B 74 10.40 -0.93 -32.14
C THR B 74 9.43 -1.19 -33.31
N SER B 75 9.55 -2.33 -33.99
CA SER B 75 8.73 -2.69 -35.19
C SER B 75 7.24 -2.79 -34.84
N VAL B 76 6.88 -3.07 -33.57
CA VAL B 76 5.47 -3.22 -33.11
C VAL B 76 5.16 -2.17 -32.03
N SER B 77 6.08 -1.22 -31.77
CA SER B 77 5.94 -0.17 -30.74
C SER B 77 5.54 -0.76 -29.38
N THR B 78 6.12 -1.90 -29.00
CA THR B 78 5.71 -2.67 -27.79
C THR B 78 6.92 -2.88 -26.87
N ALA B 79 6.78 -2.50 -25.59
CA ALA B 79 7.73 -2.84 -24.49
C ALA B 79 7.24 -4.10 -23.77
N TYR B 80 8.13 -4.78 -23.06
CA TYR B 80 7.86 -6.09 -22.42
C TYR B 80 8.48 -6.10 -21.03
N LEU B 81 7.79 -6.71 -20.07
CA LEU B 81 8.31 -7.05 -18.73
C LEU B 81 8.18 -8.56 -18.54
N HIS B 82 9.29 -9.28 -18.57
CA HIS B 82 9.37 -10.74 -18.26
C HIS B 82 9.70 -10.91 -16.78
N ILE B 83 8.97 -11.80 -16.09
CA ILE B 83 9.23 -12.18 -14.67
C ILE B 83 9.50 -13.68 -14.64
N HIS B 84 10.67 -14.09 -14.15
CA HIS B 84 11.15 -15.50 -14.19
C HIS B 84 11.01 -16.11 -12.79
N GLY B 85 10.54 -17.37 -12.72
CA GLY B 85 10.42 -18.18 -11.47
C GLY B 85 9.60 -17.41 -10.43
N LEU B 86 8.33 -17.17 -10.73
CA LEU B 86 7.41 -16.31 -9.93
C LEU B 86 7.40 -16.77 -8.48
N LYS B 87 7.34 -15.80 -7.55
CA LYS B 87 7.10 -16.03 -6.10
C LYS B 87 5.81 -15.32 -5.72
N THR B 88 5.20 -15.71 -4.60
CA THR B 88 3.97 -15.08 -4.02
C THR B 88 4.28 -13.63 -3.63
N GLU B 89 5.56 -13.33 -3.32
CA GLU B 89 6.07 -11.96 -3.04
C GLU B 89 5.80 -11.04 -4.24
N ASP B 90 5.69 -11.60 -5.45
CA ASP B 90 5.62 -10.82 -6.71
C ASP B 90 4.20 -10.38 -7.02
N THR B 91 3.17 -10.95 -6.38
CA THR B 91 1.78 -10.67 -6.78
C THR B 91 1.56 -9.16 -6.64
N ALA B 92 1.07 -8.50 -7.69
CA ALA B 92 0.93 -7.04 -7.80
C ALA B 92 0.24 -6.65 -9.11
N MET B 93 -0.32 -5.44 -9.15
CA MET B 93 -0.66 -4.73 -10.41
C MET B 93 0.64 -4.12 -10.97
N TYR B 94 1.09 -4.63 -12.12
CA TYR B 94 2.32 -4.19 -12.83
C TYR B 94 1.92 -3.20 -13.93
N TYR B 95 2.54 -2.01 -13.90
CA TYR B 95 2.16 -0.83 -14.71
C TYR B 95 3.28 -0.47 -15.69
N CYS B 96 2.90 -0.34 -16.96
CA CYS B 96 3.60 0.39 -18.04
C CYS B 96 3.32 1.90 -17.86
N VAL B 97 4.32 2.78 -17.96
CA VAL B 97 4.10 4.27 -17.92
C VAL B 97 5.20 4.99 -18.72
N ARG B 98 4.81 5.93 -19.59
CA ARG B 98 5.72 6.61 -20.56
C ARG B 98 6.54 7.67 -19.81
N GLY B 99 7.86 7.62 -19.99
CA GLY B 99 8.83 8.47 -19.27
C GLY B 99 9.13 9.75 -20.01
N GLY B 100 10.40 10.17 -19.97
CA GLY B 100 10.88 11.51 -20.36
C GLY B 100 11.54 11.48 -21.72
N SER B 101 11.68 12.65 -22.33
CA SER B 101 12.25 12.86 -23.68
C SER B 101 13.64 12.21 -23.76
N LEU B 102 13.85 11.43 -24.81
CA LEU B 102 15.17 10.88 -25.21
C LEU B 102 15.80 11.80 -26.26
N GLY B 103 15.15 12.94 -26.53
CA GLY B 103 15.66 14.04 -27.35
C GLY B 103 15.32 15.39 -26.71
N ILE B 104 15.53 16.48 -27.46
CA ILE B 104 15.37 17.89 -26.99
C ILE B 104 13.96 18.37 -27.38
N PHE B 105 12.99 18.14 -26.49
CA PHE B 105 11.55 18.49 -26.67
C PHE B 105 10.78 18.12 -25.39
N GLY B 106 9.67 18.81 -25.13
CA GLY B 106 8.80 18.60 -23.95
C GLY B 106 7.63 17.69 -24.27
N GLY B 107 6.47 17.97 -23.64
CA GLY B 107 5.26 17.12 -23.69
C GLY B 107 5.56 15.73 -23.16
N SER B 108 6.46 15.62 -22.18
CA SER B 108 6.99 14.37 -21.58
C SER B 108 6.05 13.89 -20.46
N VAL B 109 4.74 13.85 -20.71
CA VAL B 109 3.73 13.53 -19.64
C VAL B 109 3.75 12.01 -19.43
N GLY B 110 3.47 11.61 -18.18
CA GLY B 110 3.37 10.22 -17.73
C GLY B 110 2.00 9.63 -18.05
N TYR B 111 1.86 9.06 -19.24
CA TYR B 111 0.68 8.26 -19.67
C TYR B 111 0.88 6.83 -19.14
N TRP B 112 -0.15 6.28 -18.49
CA TRP B 112 -0.14 4.96 -17.83
C TRP B 112 -0.95 3.97 -18.66
N GLY B 113 -0.49 2.72 -18.74
CA GLY B 113 -1.33 1.57 -19.13
C GLY B 113 -2.42 1.34 -18.10
N GLN B 114 -3.44 0.54 -18.45
CA GLN B 114 -4.58 0.24 -17.55
C GLN B 114 -4.08 -0.58 -16.35
N GLY B 115 -2.85 -1.10 -16.44
CA GLY B 115 -2.26 -1.99 -15.43
C GLY B 115 -2.46 -3.43 -15.84
N ALA B 116 -1.68 -4.35 -15.29
CA ALA B 116 -1.74 -5.81 -15.60
C ALA B 116 -1.56 -6.60 -14.30
N LEU B 117 -2.64 -7.23 -13.82
CA LEU B 117 -2.66 -7.99 -12.53
C LEU B 117 -1.87 -9.30 -12.69
N VAL B 118 -0.81 -9.47 -11.91
CA VAL B 118 -0.04 -10.74 -11.84
C VAL B 118 -0.24 -11.35 -10.44
N SER B 119 -1.03 -12.41 -10.36
CA SER B 119 -1.19 -13.24 -9.15
C SER B 119 -0.35 -14.51 -9.30
N VAL B 120 0.45 -14.83 -8.28
CA VAL B 120 1.16 -16.11 -8.10
C VAL B 120 0.60 -16.78 -6.83
N SER B 121 -0.21 -17.83 -6.99
CA SER B 121 -0.92 -18.54 -5.89
C SER B 121 -0.99 -20.03 -6.19
N SER B 122 -0.67 -20.86 -5.20
CA SER B 122 -0.86 -22.34 -5.25
C SER B 122 -2.33 -22.65 -5.57
N ALA B 123 -3.25 -21.77 -5.14
CA ALA B 123 -4.72 -21.90 -5.34
C ALA B 123 -5.23 -23.09 -4.52
N LYS B 124 -4.50 -23.49 -3.47
CA LYS B 124 -4.70 -24.74 -2.70
C LYS B 124 -5.64 -24.46 -1.53
N THR B 125 -6.86 -25.00 -1.57
CA THR B 125 -7.88 -24.88 -0.50
C THR B 125 -7.24 -25.24 0.84
N THR B 126 -7.11 -24.26 1.75
CA THR B 126 -6.50 -24.43 3.09
C THR B 126 -7.49 -23.90 4.13
N PRO B 127 -7.85 -24.70 5.16
CA PRO B 127 -8.70 -24.22 6.24
C PRO B 127 -7.89 -23.28 7.12
N PRO B 128 -8.52 -22.33 7.84
CA PRO B 128 -7.82 -21.46 8.77
C PRO B 128 -7.57 -22.12 10.13
N SER B 129 -6.35 -21.95 10.68
CA SER B 129 -6.05 -22.09 12.12
C SER B 129 -6.69 -20.89 12.84
N VAL B 130 -7.53 -21.14 13.85
CA VAL B 130 -8.35 -20.09 14.53
C VAL B 130 -7.95 -20.04 16.01
N TYR B 131 -7.39 -18.90 16.45
CA TYR B 131 -6.82 -18.71 17.81
C TYR B 131 -7.55 -17.60 18.57
N PRO B 132 -7.66 -17.70 19.92
CA PRO B 132 -8.37 -16.70 20.72
C PRO B 132 -7.55 -15.47 21.07
N LEU B 133 -8.15 -14.29 21.04
CA LEU B 133 -7.49 -13.01 21.42
C LEU B 133 -8.14 -12.45 22.69
N ALA B 134 -7.54 -12.74 23.85
CA ALA B 134 -7.91 -12.21 25.17
C ALA B 134 -6.87 -11.18 25.60
N PRO B 135 -7.21 -10.23 26.50
CA PRO B 135 -6.23 -9.28 27.02
C PRO B 135 -5.22 -9.89 28.01
N GLY B 136 -4.18 -9.14 28.36
CA GLY B 136 -3.21 -9.48 29.43
C GLY B 136 -3.73 -9.04 30.79
N GLY B 142 -11.40 -0.38 32.71
CA GLY B 142 -12.53 0.11 31.90
C GLY B 142 -13.80 -0.70 32.15
N SER B 143 -14.96 -0.08 31.93
CA SER B 143 -16.30 -0.72 31.98
C SER B 143 -16.44 -1.68 30.79
N SER B 144 -15.64 -1.48 29.74
CA SER B 144 -15.64 -2.29 28.50
C SER B 144 -14.36 -3.14 28.41
N VAL B 145 -14.48 -4.30 27.77
CA VAL B 145 -13.38 -5.29 27.53
C VAL B 145 -13.53 -5.81 26.10
N THR B 146 -12.42 -5.89 25.35
CA THR B 146 -12.38 -6.29 23.92
C THR B 146 -11.69 -7.64 23.76
N LEU B 147 -12.40 -8.60 23.16
CA LEU B 147 -11.92 -9.97 22.84
C LEU B 147 -11.82 -10.08 21.32
N GLY B 148 -11.23 -11.16 20.82
CA GLY B 148 -11.02 -11.35 19.37
C GLY B 148 -10.73 -12.78 18.97
N CYS B 149 -10.89 -13.07 17.68
CA CYS B 149 -10.49 -14.32 17.00
C CYS B 149 -9.52 -13.97 15.88
N LEU B 150 -8.35 -14.60 15.88
CA LEU B 150 -7.37 -14.52 14.78
C LEU B 150 -7.61 -15.69 13.84
N VAL B 151 -7.97 -15.40 12.59
CA VAL B 151 -8.21 -16.42 11.51
C VAL B 151 -7.01 -16.39 10.57
N LYS B 152 -6.08 -17.33 10.76
CA LYS B 152 -4.70 -17.27 10.20
C LYS B 152 -4.52 -18.34 9.10
N GLY B 153 -3.96 -17.91 7.96
CA GLY B 153 -3.36 -18.76 6.90
C GLY B 153 -4.35 -19.66 6.20
N TYR B 154 -5.33 -19.08 5.48
CA TYR B 154 -6.38 -19.82 4.72
C TYR B 154 -6.44 -19.37 3.26
N PHE B 155 -7.10 -20.17 2.41
CA PHE B 155 -7.43 -19.87 0.98
C PHE B 155 -8.70 -20.62 0.57
N PRO B 156 -9.59 -20.07 -0.28
CA PRO B 156 -9.61 -18.66 -0.70
C PRO B 156 -10.32 -17.70 0.27
N GLU B 157 -10.74 -16.51 -0.22
CA GLU B 157 -10.93 -15.28 0.61
C GLU B 157 -12.17 -15.40 1.52
N SER B 158 -13.23 -16.10 1.10
CA SER B 158 -14.52 -16.20 1.84
C SER B 158 -14.32 -16.83 3.23
N VAL B 159 -14.46 -16.02 4.29
CA VAL B 159 -14.75 -16.48 5.69
C VAL B 159 -15.74 -15.52 6.34
N THR B 160 -16.63 -16.04 7.19
CA THR B 160 -17.54 -15.24 8.07
C THR B 160 -17.20 -15.56 9.53
N VAL B 161 -17.29 -14.55 10.41
CA VAL B 161 -17.11 -14.68 11.88
C VAL B 161 -18.37 -14.13 12.57
N THR B 162 -18.98 -14.91 13.46
CA THR B 162 -20.17 -14.53 14.25
C THR B 162 -19.83 -14.75 15.73
N TRP B 163 -20.38 -13.92 16.62
CA TRP B 163 -20.12 -13.94 18.08
C TRP B 163 -21.40 -14.25 18.86
N ASN B 164 -21.27 -14.94 20.00
CA ASN B 164 -22.31 -15.02 21.06
C ASN B 164 -21.66 -14.59 22.38
N SER B 165 -22.43 -13.87 23.23
CA SER B 165 -21.99 -13.30 24.54
C SER B 165 -23.09 -13.49 25.60
N SER B 170 -23.50 -4.47 22.56
CA SER B 170 -22.13 -5.02 22.51
C SER B 170 -21.71 -5.21 21.05
N SER B 171 -20.87 -4.31 20.52
CA SER B 171 -20.63 -4.09 19.06
C SER B 171 -19.36 -4.81 18.58
N VAL B 172 -19.40 -5.28 17.33
CA VAL B 172 -18.36 -6.13 16.67
C VAL B 172 -17.64 -5.31 15.59
N HIS B 173 -16.31 -5.47 15.46
CA HIS B 173 -15.49 -4.91 14.35
C HIS B 173 -14.80 -6.07 13.61
N THR B 174 -15.07 -6.23 12.31
CA THR B 174 -14.52 -7.32 11.45
C THR B 174 -13.53 -6.72 10.42
N PHE B 175 -12.24 -7.05 10.57
CA PHE B 175 -11.13 -6.42 9.83
C PHE B 175 -10.96 -7.09 8.47
N PRO B 176 -10.58 -6.34 7.41
CA PRO B 176 -10.41 -6.93 6.08
C PRO B 176 -9.16 -7.82 6.12
N ALA B 177 -9.13 -8.84 5.28
CA ALA B 177 -8.09 -9.90 5.29
C ALA B 177 -6.81 -9.36 4.66
N LEU B 178 -5.67 -9.95 5.04
CA LEU B 178 -4.30 -9.60 4.58
C LEU B 178 -3.74 -10.78 3.80
N LEU B 179 -3.09 -10.51 2.67
CA LEU B 179 -2.45 -11.55 1.82
C LEU B 179 -0.96 -11.58 2.14
N GLN B 180 -0.46 -12.73 2.58
CA GLN B 180 0.97 -12.97 2.87
C GLN B 180 1.31 -14.39 2.40
N SER B 181 2.25 -14.50 1.44
CA SER B 181 2.74 -15.79 0.87
C SER B 181 1.57 -16.59 0.28
N GLY B 182 0.64 -15.92 -0.40
CA GLY B 182 -0.50 -16.56 -1.07
C GLY B 182 -1.56 -17.09 -0.10
N LEU B 183 -1.38 -16.92 1.21
CA LEU B 183 -2.36 -17.30 2.26
C LEU B 183 -2.99 -16.04 2.87
N TYR B 184 -4.23 -16.16 3.38
CA TYR B 184 -5.01 -15.04 3.97
C TYR B 184 -5.03 -15.13 5.50
N THR B 185 -4.94 -13.99 6.15
CA THR B 185 -5.10 -13.80 7.61
C THR B 185 -6.06 -12.62 7.84
N MET B 186 -7.08 -12.82 8.66
CA MET B 186 -7.98 -11.72 9.09
C MET B 186 -8.27 -11.84 10.59
N SER B 187 -8.81 -10.78 11.18
CA SER B 187 -9.12 -10.65 12.62
C SER B 187 -10.56 -10.15 12.77
N SER B 188 -11.21 -10.52 13.87
CA SER B 188 -12.52 -9.98 14.30
C SER B 188 -12.45 -9.73 15.80
N SER B 189 -12.98 -8.59 16.25
CA SER B 189 -13.04 -8.20 17.68
C SER B 189 -14.49 -7.92 18.06
N VAL B 190 -14.82 -8.10 19.33
CA VAL B 190 -16.15 -7.80 19.94
C VAL B 190 -15.91 -7.07 21.27
N THR B 191 -16.54 -5.91 21.47
CA THR B 191 -16.48 -5.13 22.73
C THR B 191 -17.77 -5.38 23.52
N VAL B 192 -17.64 -5.89 24.75
CA VAL B 192 -18.76 -6.24 25.66
C VAL B 192 -18.58 -5.45 26.96
N PRO B 193 -19.63 -5.34 27.80
CA PRO B 193 -19.47 -4.78 29.14
C PRO B 193 -18.56 -5.70 29.98
N SER B 194 -17.64 -5.10 30.73
CA SER B 194 -16.59 -5.80 31.51
C SER B 194 -17.21 -6.66 32.61
N SER B 195 -18.50 -6.45 32.90
CA SER B 195 -19.32 -7.28 33.83
C SER B 195 -19.63 -8.65 33.20
N THR B 196 -19.85 -8.70 31.89
CA THR B 196 -20.36 -9.91 31.17
C THR B 196 -19.19 -10.84 30.78
N TRP B 197 -17.93 -10.44 30.98
CA TRP B 197 -16.75 -11.30 30.69
C TRP B 197 -15.63 -11.04 31.69
N PRO B 198 -14.97 -12.08 32.25
CA PRO B 198 -15.19 -13.49 31.88
C PRO B 198 -16.35 -14.21 32.61
N SER B 199 -17.11 -13.50 33.45
CA SER B 199 -18.24 -14.05 34.25
C SER B 199 -19.15 -14.91 33.36
N GLN B 200 -19.45 -14.44 32.14
CA GLN B 200 -20.24 -15.19 31.13
C GLN B 200 -19.35 -15.50 29.91
N THR B 201 -19.77 -16.49 29.11
CA THR B 201 -19.01 -17.08 27.99
C THR B 201 -19.14 -16.21 26.74
N VAL B 202 -18.00 -15.90 26.10
CA VAL B 202 -17.90 -15.26 24.75
C VAL B 202 -17.23 -16.26 23.81
N THR B 203 -17.89 -16.60 22.71
CA THR B 203 -17.43 -17.61 21.71
C THR B 203 -17.59 -17.03 20.31
N CYS B 204 -16.56 -17.19 19.47
CA CYS B 204 -16.62 -16.86 18.02
C CYS B 204 -16.74 -18.18 17.22
N SER B 205 -17.59 -18.16 16.19
CA SER B 205 -17.77 -19.25 15.18
C SER B 205 -17.20 -18.76 13.85
N VAL B 206 -16.25 -19.49 13.27
CA VAL B 206 -15.56 -19.11 12.01
C VAL B 206 -15.97 -20.09 10.89
N ALA B 207 -16.68 -19.58 9.88
CA ALA B 207 -17.15 -20.35 8.71
C ALA B 207 -16.17 -20.15 7.55
N HIS B 208 -15.71 -21.24 6.93
CA HIS B 208 -14.85 -21.25 5.71
C HIS B 208 -15.49 -22.15 4.66
N PRO B 209 -16.44 -21.62 3.85
CA PRO B 209 -17.27 -22.47 2.98
C PRO B 209 -16.46 -23.31 1.97
N ALA B 210 -15.36 -22.76 1.44
CA ALA B 210 -14.49 -23.38 0.42
C ALA B 210 -13.90 -24.70 0.93
N SER B 211 -13.62 -24.81 2.23
CA SER B 211 -13.11 -26.04 2.90
C SER B 211 -14.22 -26.71 3.72
N SER B 212 -15.41 -26.09 3.82
CA SER B 212 -16.62 -26.66 4.47
C SER B 212 -16.39 -26.84 5.98
N THR B 213 -15.55 -25.99 6.58
CA THR B 213 -15.15 -26.07 8.02
C THR B 213 -15.72 -24.88 8.79
N THR B 214 -16.55 -25.17 9.80
CA THR B 214 -16.89 -24.27 10.92
C THR B 214 -16.03 -24.67 12.13
N VAL B 215 -15.44 -23.70 12.83
CA VAL B 215 -14.75 -23.91 14.14
C VAL B 215 -15.23 -22.84 15.11
N ASP B 216 -15.58 -23.25 16.34
CA ASP B 216 -15.92 -22.37 17.48
C ASP B 216 -14.71 -22.29 18.41
N LYS B 217 -14.37 -21.10 18.90
CA LYS B 217 -13.27 -20.90 19.87
C LYS B 217 -13.77 -20.02 21.03
N LYS B 218 -13.87 -20.62 22.23
CA LYS B 218 -14.24 -19.91 23.48
C LYS B 218 -13.03 -19.09 23.92
N ILE B 219 -13.24 -17.81 24.21
CA ILE B 219 -12.17 -16.88 24.70
C ILE B 219 -12.05 -17.02 26.22
N GLU B 220 -10.98 -17.67 26.69
CA GLU B 220 -10.71 -17.93 28.13
C GLU B 220 -9.78 -16.84 28.68
N PRO B 221 -9.98 -16.37 29.93
CA PRO B 221 -9.05 -15.43 30.56
C PRO B 221 -7.73 -16.11 30.95
N ARG B 222 -6.66 -15.32 31.07
CA ARG B 222 -5.28 -15.80 31.34
C ARG B 222 -5.03 -15.83 32.86
N ASN C 1 22.55 10.70 -2.41
CA ASN C 1 21.64 10.22 -3.50
C ASN C 1 20.22 10.71 -3.15
N LEU C 2 19.27 10.68 -4.11
CA LEU C 2 17.95 11.38 -4.02
C LEU C 2 16.82 10.47 -3.53
N THR C 3 16.21 10.83 -2.39
CA THR C 3 14.83 10.42 -2.01
C THR C 3 13.91 11.64 -2.09
N LEU C 4 12.61 11.40 -2.28
CA LEU C 4 11.54 12.42 -2.30
C LEU C 4 10.61 12.15 -1.11
N ILE C 5 10.45 13.10 -0.19
CA ILE C 5 9.72 12.89 1.09
C ILE C 5 8.32 13.54 0.97
N GLN C 6 7.28 12.74 1.22
CA GLN C 6 5.85 13.14 1.28
C GLN C 6 5.29 12.76 2.67
N SER C 7 4.45 13.63 3.27
CA SER C 7 3.54 13.26 4.37
C SER C 7 2.51 12.26 3.83
N ARG C 8 1.98 11.39 4.69
CA ARG C 8 1.08 10.28 4.28
C ARG C 8 -0.37 10.78 4.20
N SER C 9 -0.72 11.88 4.86
CA SER C 9 -2.12 12.41 4.94
C SER C 9 -2.17 13.94 4.88
N VAL C 10 -2.92 14.46 3.92
CA VAL C 10 -3.42 15.87 3.89
C VAL C 10 -4.94 15.80 3.73
N SER C 11 -5.67 16.79 4.25
CA SER C 11 -7.15 16.84 4.21
C SER C 11 -7.63 18.30 4.19
N GLY C 12 -8.85 18.50 3.69
CA GLY C 12 -9.54 19.81 3.66
C GLY C 12 -11.00 19.61 3.29
N SER C 13 -11.85 20.59 3.61
CA SER C 13 -13.31 20.57 3.35
C SER C 13 -13.56 20.91 1.88
N PRO C 14 -14.79 20.69 1.36
CA PRO C 14 -15.10 21.09 -0.02
C PRO C 14 -15.13 22.62 -0.13
N GLY C 15 -14.45 23.16 -1.14
CA GLY C 15 -14.28 24.61 -1.35
C GLY C 15 -12.91 25.07 -0.89
N GLN C 16 -12.32 24.39 0.09
CA GLN C 16 -11.03 24.80 0.71
C GLN C 16 -9.88 24.49 -0.25
N THR C 17 -8.71 25.10 0.02
CA THR C 17 -7.44 24.93 -0.72
C THR C 17 -6.47 24.16 0.17
N VAL C 18 -5.95 23.05 -0.33
CA VAL C 18 -4.91 22.24 0.35
C VAL C 18 -3.75 22.15 -0.64
N SER C 19 -2.52 21.97 -0.14
CA SER C 19 -1.32 21.72 -0.96
C SER C 19 -0.56 20.53 -0.38
N ILE C 20 -0.24 19.57 -1.25
CA ILE C 20 0.62 18.39 -0.97
C ILE C 20 2.06 18.79 -1.29
N SER C 21 2.99 18.50 -0.40
CA SER C 21 4.43 18.86 -0.56
C SER C 21 5.28 17.60 -0.54
N CYS C 22 6.50 17.76 -1.04
CA CYS C 22 7.42 16.69 -1.50
C CYS C 22 8.85 17.24 -1.44
N THR C 23 9.51 17.13 -0.29
CA THR C 23 10.87 17.68 -0.07
C THR C 23 11.90 16.74 -0.72
N ALA C 24 12.76 17.31 -1.58
CA ALA C 24 13.90 16.61 -2.22
C ALA C 24 15.05 16.53 -1.21
N ASN C 25 15.69 15.37 -1.13
CA ASN C 25 16.73 15.05 -0.13
C ASN C 25 17.93 14.38 -0.84
N GLY C 26 19.08 15.05 -0.86
CA GLY C 26 20.33 14.53 -1.48
C GLY C 26 20.48 14.94 -2.93
N ALA C 27 19.76 15.98 -3.38
CA ALA C 27 19.85 16.60 -4.72
C ALA C 27 19.01 17.89 -4.74
N HIS C 28 19.39 18.85 -5.60
CA HIS C 28 18.66 20.14 -5.80
C HIS C 28 17.37 19.84 -6.59
N ILE C 29 16.24 20.37 -6.11
CA ILE C 29 14.86 20.10 -6.64
C ILE C 29 14.74 20.63 -8.07
N GLY C 30 15.51 21.68 -8.41
CA GLY C 30 15.44 22.38 -9.72
C GLY C 30 16.39 21.79 -10.75
N ASP C 31 17.22 20.82 -10.36
CA ASP C 31 18.21 20.16 -11.26
C ASP C 31 17.46 19.28 -12.26
N SER C 32 16.23 18.88 -11.92
CA SER C 32 15.42 17.89 -12.65
C SER C 32 13.94 18.25 -12.54
N TYR C 33 13.14 17.86 -13.51
CA TYR C 33 11.66 18.13 -13.58
C TYR C 33 10.91 17.33 -12.50
N VAL C 34 9.74 17.83 -12.12
CA VAL C 34 8.84 17.16 -11.14
C VAL C 34 7.48 16.91 -11.80
N GLN C 35 6.97 15.69 -11.69
CA GLN C 35 5.63 15.25 -12.16
C GLN C 35 4.77 14.94 -10.94
N TRP C 36 3.45 15.10 -11.05
CA TRP C 36 2.48 14.67 -10.00
C TRP C 36 1.51 13.66 -10.62
N PHE C 37 1.33 12.52 -9.95
CA PHE C 37 0.39 11.44 -10.34
C PHE C 37 -0.75 11.38 -9.31
N GLN C 38 -1.99 11.44 -9.81
CA GLN C 38 -3.23 11.17 -9.03
C GLN C 38 -3.65 9.73 -9.28
N GLN C 39 -3.95 8.98 -8.24
CA GLN C 39 -4.62 7.65 -8.35
C GLN C 39 -5.84 7.64 -7.43
N ARG C 40 -7.05 7.54 -8.01
CA ARG C 40 -8.32 7.37 -7.25
C ARG C 40 -8.47 5.90 -6.86
N PRO C 41 -9.13 5.58 -5.74
CA PRO C 41 -9.26 4.18 -5.31
C PRO C 41 -9.96 3.40 -6.44
N GLY C 42 -9.40 2.25 -6.81
CA GLY C 42 -9.94 1.39 -7.89
C GLY C 42 -9.22 1.59 -9.20
N SER C 43 -9.07 2.84 -9.67
CA SER C 43 -8.57 3.17 -11.02
C SER C 43 -7.03 3.21 -11.05
N ALA C 44 -6.45 3.33 -12.24
CA ALA C 44 -5.00 3.45 -12.49
C ALA C 44 -4.59 4.90 -12.35
N PRO C 45 -3.29 5.21 -12.12
CA PRO C 45 -2.84 6.59 -11.97
C PRO C 45 -2.75 7.31 -13.31
N ARG C 46 -2.93 8.63 -13.29
CA ARG C 46 -2.71 9.52 -14.46
C ARG C 46 -1.81 10.69 -14.04
N SER C 47 -1.07 11.25 -14.99
CA SER C 47 -0.30 12.51 -14.78
C SER C 47 -1.32 13.63 -14.56
N VAL C 48 -0.96 14.61 -13.74
CA VAL C 48 -1.85 15.73 -13.34
C VAL C 48 -1.06 17.04 -13.45
N ILE C 49 0.19 17.04 -13.00
CA ILE C 49 1.20 18.08 -13.37
C ILE C 49 2.44 17.37 -13.94
N PHE C 50 3.04 17.94 -14.98
CA PHE C 50 4.33 17.50 -15.58
C PHE C 50 5.20 18.74 -15.84
N GLU C 51 6.51 18.54 -15.98
CA GLU C 51 7.53 19.61 -16.12
C GLU C 51 7.26 20.71 -15.09
N ASP C 52 7.07 20.32 -13.82
CA ASP C 52 7.03 21.21 -12.62
C ASP C 52 5.62 21.78 -12.40
N ASP C 53 5.03 22.38 -13.43
CA ASP C 53 3.84 23.26 -13.26
C ASP C 53 2.90 23.22 -14.47
N LYS C 54 3.02 22.23 -15.37
CA LYS C 54 2.23 22.19 -16.63
C LYS C 54 1.12 21.15 -16.47
N ARG C 55 -0.07 21.46 -16.97
CA ARG C 55 -1.28 20.60 -16.88
C ARG C 55 -1.49 19.90 -18.22
N PRO C 56 -1.61 18.55 -18.24
CA PRO C 56 -2.15 17.87 -19.42
C PRO C 56 -3.59 18.35 -19.70
N SER C 57 -4.05 18.16 -20.95
CA SER C 57 -5.40 18.54 -21.44
C SER C 57 -6.49 17.96 -20.52
N GLY C 58 -7.45 18.78 -20.10
CA GLY C 58 -8.61 18.34 -19.31
C GLY C 58 -8.31 18.18 -17.84
N VAL C 59 -7.14 18.63 -17.37
CA VAL C 59 -6.90 18.84 -15.92
C VAL C 59 -7.26 20.29 -15.62
N PRO C 60 -8.21 20.56 -14.68
CA PRO C 60 -8.63 21.92 -14.37
C PRO C 60 -7.50 22.80 -13.79
N ASP C 61 -7.51 24.10 -14.10
CA ASP C 61 -6.44 25.06 -13.70
C ASP C 61 -6.40 25.24 -12.18
N ARG C 62 -7.32 24.63 -11.43
CA ARG C 62 -7.35 24.70 -9.93
C ARG C 62 -6.38 23.69 -9.33
N LEU C 63 -5.93 22.70 -10.12
CA LEU C 63 -4.70 21.90 -9.84
C LEU C 63 -3.51 22.71 -10.36
N SER C 64 -2.42 22.77 -9.60
CA SER C 64 -1.34 23.76 -9.75
C SER C 64 -0.05 23.22 -9.11
N GLY C 65 1.06 23.26 -9.86
CA GLY C 65 2.37 22.78 -9.40
C GLY C 65 3.35 23.93 -9.25
N SER C 66 4.09 23.97 -8.15
CA SER C 66 5.13 24.99 -7.85
C SER C 66 6.40 24.26 -7.37
N THR C 67 7.55 24.93 -7.45
CA THR C 67 8.80 24.50 -6.77
C THR C 67 9.35 25.67 -5.96
N ASP C 68 9.99 25.36 -4.82
CA ASP C 68 10.60 26.34 -3.87
C ASP C 68 12.05 25.91 -3.62
N PHE C 69 13.02 26.66 -4.17
CA PHE C 69 14.47 26.39 -4.02
C PHE C 69 14.89 26.51 -2.56
N SER C 70 14.29 27.43 -1.78
CA SER C 70 14.66 27.70 -0.36
C SER C 70 14.47 26.44 0.52
N SER C 71 13.34 25.74 0.39
CA SER C 71 13.00 24.53 1.20
C SER C 71 13.30 23.24 0.40
N ASN C 72 13.83 23.38 -0.82
CA ASN C 72 14.21 22.27 -1.74
C ASN C 72 13.00 21.33 -1.91
N SER C 73 11.84 21.91 -2.26
CA SER C 73 10.55 21.19 -2.34
C SER C 73 9.79 21.60 -3.59
N ALA C 74 8.97 20.69 -4.11
CA ALA C 74 7.88 20.97 -5.05
C ALA C 74 6.56 20.76 -4.30
N SER C 75 5.47 21.35 -4.81
CA SER C 75 4.11 21.29 -4.20
C SER C 75 3.06 21.14 -5.29
N LEU C 76 2.10 20.26 -5.04
CA LEU C 76 0.79 20.21 -5.74
C LEU C 76 -0.20 21.01 -4.89
N THR C 77 -0.87 22.00 -5.46
CA THR C 77 -1.96 22.79 -4.81
C THR C 77 -3.27 22.52 -5.55
N ILE C 78 -4.35 22.28 -4.81
CA ILE C 78 -5.72 22.05 -5.36
C ILE C 78 -6.69 23.01 -4.67
N SER C 79 -7.20 24.01 -5.40
CA SER C 79 -8.21 24.99 -4.93
C SER C 79 -9.61 24.42 -5.14
N GLY C 80 -10.57 24.81 -4.27
CA GLY C 80 -11.98 24.40 -4.36
C GLY C 80 -12.11 22.90 -4.51
N LEU C 81 -11.69 22.15 -3.50
CA LEU C 81 -11.75 20.66 -3.46
C LEU C 81 -13.16 20.19 -3.79
N GLU C 82 -13.27 19.17 -4.64
CA GLU C 82 -14.51 18.38 -4.89
C GLU C 82 -14.23 16.94 -4.45
N SER C 83 -15.27 16.13 -4.24
CA SER C 83 -15.16 14.69 -3.85
C SER C 83 -14.15 13.96 -4.76
N GLU C 84 -14.20 14.24 -6.06
CA GLU C 84 -13.43 13.55 -7.13
C GLU C 84 -11.93 13.65 -6.85
N ASP C 85 -11.51 14.69 -6.11
CA ASP C 85 -10.09 14.98 -5.80
C ASP C 85 -9.58 14.06 -4.69
N GLU C 86 -10.46 13.36 -3.97
CA GLU C 86 -10.03 12.31 -3.00
C GLU C 86 -9.29 11.22 -3.77
N ALA C 87 -8.02 11.01 -3.42
CA ALA C 87 -7.05 10.25 -4.22
C ALA C 87 -5.70 10.19 -3.50
N ASP C 88 -4.81 9.30 -3.95
CA ASP C 88 -3.38 9.26 -3.58
C ASP C 88 -2.62 10.10 -4.60
N TYR C 89 -1.74 10.99 -4.13
CA TYR C 89 -0.92 11.88 -4.99
C TYR C 89 0.55 11.56 -4.75
N TYR C 90 1.29 11.31 -5.84
CA TYR C 90 2.73 11.01 -5.85
C TYR C 90 3.45 12.09 -6.65
N CYS C 91 4.55 12.63 -6.12
CA CYS C 91 5.58 13.35 -6.90
C CYS C 91 6.54 12.34 -7.52
N GLN C 92 7.07 12.66 -8.70
CA GLN C 92 8.10 11.87 -9.41
C GLN C 92 9.15 12.87 -9.93
N SER C 93 10.42 12.56 -9.76
CA SER C 93 11.56 13.28 -10.40
C SER C 93 12.68 12.28 -10.75
N TYR C 94 13.78 12.79 -11.30
CA TYR C 94 14.87 11.97 -11.88
C TYR C 94 16.15 12.12 -11.08
N TYR C 95 16.92 11.03 -11.00
CA TYR C 95 18.33 11.01 -10.53
C TYR C 95 19.10 10.01 -11.39
N ARG C 96 20.14 10.48 -12.10
CA ARG C 96 20.99 9.67 -13.02
C ARG C 96 20.12 9.01 -14.10
N GLY C 97 19.08 9.71 -14.58
CA GLY C 97 18.14 9.22 -15.62
C GLY C 97 17.03 8.35 -15.07
N ASP C 98 17.11 7.95 -13.80
CA ASP C 98 16.16 7.02 -13.15
C ASP C 98 15.06 7.81 -12.44
N TRP C 99 13.87 7.22 -12.31
CA TRP C 99 12.73 7.80 -11.56
C TRP C 99 12.99 7.67 -10.05
N VAL C 100 12.61 8.69 -9.28
CA VAL C 100 12.42 8.61 -7.81
C VAL C 100 10.96 9.01 -7.53
N LEU C 101 10.28 8.25 -6.67
CA LEU C 101 8.86 8.48 -6.29
C LEU C 101 8.76 8.73 -4.79
N GLY C 102 7.90 9.66 -4.40
CA GLY C 102 7.48 9.84 -3.00
C GLY C 102 6.64 8.65 -2.57
N GLY C 103 6.49 8.45 -1.26
CA GLY C 103 5.71 7.34 -0.69
C GLY C 103 4.23 7.53 -0.91
N GLY C 104 3.82 8.70 -1.42
CA GLY C 104 2.40 9.03 -1.68
C GLY C 104 1.76 9.72 -0.49
N THR C 105 0.81 10.60 -0.78
CA THR C 105 -0.06 11.33 0.19
C THR C 105 -1.51 10.99 -0.14
N LYS C 106 -2.37 10.78 0.85
CA LYS C 106 -3.82 10.68 0.60
C LYS C 106 -4.46 12.03 0.93
N LEU C 107 -4.96 12.70 -0.11
CA LEU C 107 -5.86 13.88 0.01
C LEU C 107 -7.26 13.36 0.37
N THR C 108 -7.71 13.60 1.59
CA THR C 108 -9.09 13.28 2.07
C THR C 108 -9.94 14.55 1.98
N VAL C 109 -11.04 14.48 1.24
CA VAL C 109 -12.12 15.52 1.23
C VAL C 109 -13.12 15.15 2.33
N LEU C 110 -13.16 15.97 3.39
CA LEU C 110 -13.83 15.66 4.67
C LEU C 110 -15.36 15.74 4.49
N GLY C 111 -16.05 14.62 4.68
CA GLY C 111 -17.53 14.54 4.71
C GLY C 111 -18.06 14.30 6.12
N GLN C 112 -17.17 14.28 7.12
CA GLN C 112 -17.50 14.09 8.56
C GLN C 112 -16.34 14.60 9.41
N PRO C 113 -16.56 14.87 10.71
CA PRO C 113 -15.47 15.34 11.58
C PRO C 113 -14.36 14.31 11.76
N LYS C 114 -13.14 14.78 12.04
CA LYS C 114 -11.96 13.92 12.33
C LYS C 114 -12.34 12.98 13.48
N SER C 115 -11.74 11.80 13.48
CA SER C 115 -11.98 10.71 14.47
C SER C 115 -10.65 10.01 14.75
N SER C 116 -10.19 10.08 16.00
CA SER C 116 -8.93 9.43 16.45
C SER C 116 -9.14 7.93 16.58
N PRO C 117 -8.16 7.10 16.21
CA PRO C 117 -8.33 5.65 16.26
C PRO C 117 -8.47 5.13 17.69
N SER C 118 -9.39 4.18 17.90
CA SER C 118 -9.38 3.23 19.05
C SER C 118 -8.41 2.09 18.74
N VAL C 119 -7.50 1.80 19.66
CA VAL C 119 -6.38 0.83 19.46
C VAL C 119 -6.39 -0.20 20.58
N THR C 120 -6.39 -1.49 20.21
CA THR C 120 -6.20 -2.64 21.14
C THR C 120 -5.04 -3.51 20.63
N LEU C 121 -4.10 -3.82 21.53
CA LEU C 121 -3.00 -4.78 21.27
C LEU C 121 -3.35 -6.12 21.93
N PHE C 122 -3.32 -7.21 21.17
CA PHE C 122 -3.54 -8.58 21.71
C PHE C 122 -2.22 -9.33 21.73
N PRO C 123 -1.90 -10.03 22.85
CA PRO C 123 -0.79 -10.97 22.87
C PRO C 123 -1.11 -12.20 22.01
N PRO C 124 -0.14 -13.11 21.80
CA PRO C 124 -0.42 -14.35 21.09
C PRO C 124 -1.23 -15.27 22.01
N SER C 125 -1.97 -16.21 21.45
CA SER C 125 -2.61 -17.32 22.20
C SER C 125 -1.53 -18.31 22.63
N SER C 126 -1.73 -18.98 23.76
CA SER C 126 -0.88 -20.11 24.20
C SER C 126 -1.03 -21.27 23.19
N GLU C 127 -2.25 -21.46 22.66
CA GLU C 127 -2.56 -22.39 21.54
C GLU C 127 -1.56 -22.18 20.40
N GLU C 128 -1.45 -20.95 19.91
CA GLU C 128 -0.57 -20.58 18.76
C GLU C 128 0.88 -20.88 19.11
N LEU C 129 1.32 -20.58 20.35
CA LEU C 129 2.73 -20.65 20.79
C LEU C 129 3.21 -22.11 20.74
N GLU C 130 2.29 -23.06 20.88
CA GLU C 130 2.58 -24.52 20.88
C GLU C 130 2.92 -24.99 19.46
N THR C 131 2.81 -24.12 18.45
CA THR C 131 3.21 -24.40 17.04
C THR C 131 4.44 -23.57 16.65
N ASN C 132 5.21 -23.10 17.63
CA ASN C 132 6.49 -22.34 17.46
C ASN C 132 6.23 -21.00 16.75
N LYS C 133 4.99 -20.47 16.81
CA LYS C 133 4.56 -19.19 16.19
C LYS C 133 3.93 -18.29 17.26
N ALA C 134 4.10 -16.97 17.12
CA ALA C 134 3.54 -15.94 18.03
C ALA C 134 3.13 -14.72 17.20
N THR C 135 1.82 -14.49 17.04
CA THR C 135 1.25 -13.36 16.28
C THR C 135 0.62 -12.39 17.26
N LEU C 136 1.22 -11.21 17.44
CA LEU C 136 0.59 -10.07 18.15
C LEU C 136 -0.36 -9.38 17.16
N VAL C 137 -1.51 -8.93 17.63
CA VAL C 137 -2.57 -8.31 16.78
C VAL C 137 -2.91 -6.93 17.34
N CYS C 138 -2.74 -5.90 16.52
CA CYS C 138 -3.08 -4.48 16.82
C CYS C 138 -4.30 -4.07 16.01
N THR C 139 -5.49 -4.08 16.62
CA THR C 139 -6.75 -3.62 16.00
C THR C 139 -6.83 -2.09 16.09
N ILE C 140 -7.31 -1.46 15.03
CA ILE C 140 -7.42 0.02 14.89
C ILE C 140 -8.79 0.32 14.29
N THR C 141 -9.64 1.07 15.00
CA THR C 141 -11.07 1.23 14.65
C THR C 141 -11.44 2.71 14.70
N ASP C 142 -12.43 3.12 13.90
CA ASP C 142 -13.16 4.40 14.04
C ASP C 142 -12.21 5.60 13.88
N PHE C 143 -11.33 5.59 12.85
CA PHE C 143 -10.48 6.75 12.50
C PHE C 143 -10.93 7.35 11.15
N TYR C 144 -10.86 8.69 11.07
CA TYR C 144 -11.06 9.52 9.85
C TYR C 144 -10.21 10.78 9.96
N PRO C 145 -9.43 11.18 8.93
CA PRO C 145 -9.26 10.41 7.69
C PRO C 145 -8.73 8.97 7.89
N GLY C 146 -8.86 8.15 6.85
CA GLY C 146 -8.44 6.74 6.79
C GLY C 146 -7.00 6.58 6.34
N VAL C 147 -6.07 7.18 7.09
CA VAL C 147 -4.61 6.99 6.91
C VAL C 147 -3.99 6.82 8.29
N VAL C 148 -3.10 5.85 8.42
CA VAL C 148 -2.51 5.44 9.73
C VAL C 148 -1.10 4.90 9.45
N THR C 149 -0.12 5.36 10.22
CA THR C 149 1.26 4.82 10.26
C THR C 149 1.37 3.97 11.51
N VAL C 150 1.70 2.68 11.35
CA VAL C 150 1.85 1.73 12.50
C VAL C 150 3.34 1.42 12.68
N ASP C 151 3.82 1.44 13.92
CA ASP C 151 5.25 1.20 14.27
C ASP C 151 5.29 0.25 15.47
N TRP C 152 5.90 -0.92 15.28
CA TRP C 152 6.12 -1.93 16.35
C TRP C 152 7.47 -1.66 17.03
N LYS C 153 7.47 -1.62 18.36
CA LYS C 153 8.69 -1.67 19.19
C LYS C 153 8.71 -2.99 19.96
N VAL C 154 9.90 -3.55 20.18
CA VAL C 154 10.12 -4.72 21.08
C VAL C 154 11.35 -4.41 21.94
N ASP C 155 11.15 -4.12 23.22
CA ASP C 155 12.24 -3.68 24.14
C ASP C 155 12.99 -2.50 23.51
N GLY C 156 12.26 -1.55 22.91
CA GLY C 156 12.81 -0.30 22.37
C GLY C 156 13.67 -0.49 21.14
N THR C 157 13.55 -1.64 20.45
CA THR C 157 14.16 -1.86 19.11
C THR C 157 13.03 -1.84 18.10
N PRO C 158 13.03 -0.90 17.12
CA PRO C 158 11.99 -0.83 16.10
C PRO C 158 12.04 -2.03 15.12
N VAL C 159 10.88 -2.64 14.85
CA VAL C 159 10.76 -3.83 13.96
C VAL C 159 10.53 -3.34 12.52
N THR C 160 11.41 -3.77 11.61
CA THR C 160 11.42 -3.44 10.16
C THR C 160 11.07 -4.69 9.33
N GLN C 161 11.13 -5.89 9.92
CA GLN C 161 10.80 -7.19 9.27
C GLN C 161 9.94 -8.03 10.21
N GLY C 162 8.81 -8.57 9.71
CA GLY C 162 7.89 -9.44 10.46
C GLY C 162 6.54 -8.80 10.70
N MET C 163 6.43 -7.48 10.45
CA MET C 163 5.17 -6.68 10.61
C MET C 163 4.55 -6.43 9.23
N GLU C 164 3.23 -6.57 9.14
CA GLU C 164 2.41 -6.11 7.97
C GLU C 164 1.12 -5.47 8.50
N THR C 165 0.69 -4.36 7.90
CA THR C 165 -0.62 -3.71 8.19
C THR C 165 -1.51 -3.80 6.96
N THR C 166 -2.82 -3.97 7.18
CA THR C 166 -3.86 -3.96 6.13
C THR C 166 -4.04 -2.52 5.66
N GLN C 167 -4.37 -2.32 4.40
CA GLN C 167 -4.86 -1.00 3.90
C GLN C 167 -6.12 -0.67 4.71
N PRO C 168 -6.30 0.59 5.16
CA PRO C 168 -7.52 0.95 5.89
C PRO C 168 -8.78 0.69 5.03
N SER C 169 -9.87 0.25 5.66
CA SER C 169 -11.13 -0.16 4.99
C SER C 169 -12.32 0.47 5.72
N LYS C 170 -13.35 0.90 4.99
CA LYS C 170 -14.54 1.61 5.55
C LYS C 170 -15.31 0.70 6.51
N GLN C 171 -15.94 1.30 7.52
CA GLN C 171 -16.94 0.66 8.42
C GLN C 171 -18.32 1.05 7.88
N SER C 172 -19.41 0.70 8.59
CA SER C 172 -20.80 1.12 8.27
C SER C 172 -20.87 2.64 8.15
N ASN C 173 -20.23 3.36 9.07
CA ASN C 173 -20.40 4.82 9.30
C ASN C 173 -19.34 5.62 8.53
N ASN C 174 -18.67 5.00 7.55
CA ASN C 174 -17.69 5.65 6.64
C ASN C 174 -16.48 6.17 7.43
N LYS C 175 -16.26 5.65 8.65
CA LYS C 175 -14.95 5.71 9.36
C LYS C 175 -14.15 4.50 8.91
N TYR C 176 -12.87 4.43 9.27
CA TYR C 176 -11.95 3.38 8.75
C TYR C 176 -11.49 2.48 9.90
N MET C 177 -11.11 1.25 9.54
CA MET C 177 -10.52 0.24 10.44
C MET C 177 -9.31 -0.40 9.72
N ALA C 178 -8.33 -0.82 10.51
CA ALA C 178 -7.12 -1.55 10.04
C ALA C 178 -6.65 -2.49 11.16
N SER C 179 -5.78 -3.43 10.80
CA SER C 179 -5.12 -4.36 11.73
C SER C 179 -3.66 -4.53 11.29
N SER C 180 -2.76 -4.50 12.26
CA SER C 180 -1.32 -4.82 12.08
C SER C 180 -1.02 -6.11 12.83
N TYR C 181 -0.17 -6.96 12.24
CA TYR C 181 0.19 -8.29 12.80
C TYR C 181 1.71 -8.37 12.88
N LEU C 182 2.26 -8.46 14.10
CA LEU C 182 3.69 -8.82 14.32
C LEU C 182 3.77 -10.34 14.51
N THR C 183 4.50 -11.02 13.62
CA THR C 183 4.70 -12.49 13.63
C THR C 183 6.14 -12.81 14.05
N LEU C 184 6.30 -13.56 15.14
CA LEU C 184 7.59 -14.01 15.70
C LEU C 184 7.55 -15.53 15.81
N THR C 185 8.68 -16.16 16.09
CA THR C 185 8.73 -17.55 16.60
C THR C 185 8.31 -17.52 18.08
N ALA C 186 8.01 -18.69 18.65
CA ALA C 186 7.77 -18.84 20.10
C ALA C 186 9.05 -18.45 20.83
N ARG C 187 10.21 -18.88 20.33
CA ARG C 187 11.52 -18.71 21.01
C ARG C 187 11.90 -17.23 20.99
N ALA C 188 11.49 -16.48 19.96
CA ALA C 188 11.65 -15.01 19.88
C ALA C 188 10.70 -14.32 20.87
N TRP C 189 9.44 -14.78 20.97
CA TRP C 189 8.43 -14.25 21.93
C TRP C 189 8.97 -14.36 23.36
N GLU C 190 9.47 -15.55 23.72
CA GLU C 190 10.02 -15.85 25.07
C GLU C 190 11.29 -15.04 25.33
N ARG C 191 12.00 -14.60 24.29
CA ARG C 191 13.30 -13.88 24.44
C ARG C 191 13.07 -12.49 25.03
N HIS C 192 12.14 -11.73 24.45
CA HIS C 192 11.92 -10.28 24.73
C HIS C 192 10.80 -10.11 25.76
N SER C 193 10.77 -8.95 26.42
CA SER C 193 10.00 -8.66 27.66
C SER C 193 8.79 -7.79 27.33
N SER C 194 8.96 -6.74 26.52
CA SER C 194 7.95 -5.66 26.31
C SER C 194 7.72 -5.38 24.82
N TYR C 195 6.45 -5.31 24.43
CA TYR C 195 5.99 -5.13 23.04
C TYR C 195 5.07 -3.91 22.96
N SER C 196 5.41 -2.98 22.06
CA SER C 196 4.63 -1.76 21.79
C SER C 196 4.06 -1.79 20.38
N CYS C 197 2.81 -1.35 20.24
CA CYS C 197 2.17 -0.97 18.95
C CYS C 197 1.88 0.54 19.02
N GLN C 198 2.60 1.33 18.22
CA GLN C 198 2.40 2.80 18.08
C GLN C 198 1.62 3.11 16.81
N VAL C 199 0.45 3.71 16.93
CA VAL C 199 -0.43 4.06 15.78
C VAL C 199 -0.49 5.59 15.68
N THR C 200 0.08 6.14 14.61
CA THR C 200 0.13 7.61 14.36
C THR C 200 -1.00 8.01 13.41
N HIS C 201 -1.78 9.03 13.80
CA HIS C 201 -2.98 9.51 13.08
C HIS C 201 -3.09 11.03 13.18
N GLU C 202 -2.95 11.71 12.04
CA GLU C 202 -2.95 13.19 11.89
C GLU C 202 -1.92 13.74 12.88
N GLY C 203 -0.70 13.20 12.82
CA GLY C 203 0.48 13.64 13.59
C GLY C 203 0.39 13.41 15.08
N HIS C 204 -0.61 12.66 15.58
CA HIS C 204 -0.73 12.27 17.01
C HIS C 204 -0.58 10.75 17.14
N THR C 205 0.37 10.30 17.97
CA THR C 205 0.67 8.87 18.25
C THR C 205 -0.04 8.41 19.52
N VAL C 206 -0.85 7.37 19.41
CA VAL C 206 -1.44 6.59 20.53
C VAL C 206 -0.78 5.20 20.50
N GLU C 207 -0.19 4.76 21.61
CA GLU C 207 0.53 3.46 21.67
C GLU C 207 -0.10 2.58 22.76
N LYS C 208 -0.31 1.30 22.43
CA LYS C 208 -0.68 0.24 23.41
C LYS C 208 0.53 -0.67 23.59
N SER C 209 0.76 -1.15 24.82
CA SER C 209 1.99 -1.87 25.24
C SER C 209 1.61 -3.07 26.11
N LEU C 210 2.49 -4.05 26.27
CA LEU C 210 2.24 -5.20 27.16
C LEU C 210 3.56 -5.93 27.46
N SER C 211 3.57 -6.74 28.52
CA SER C 211 4.72 -7.55 28.99
C SER C 211 4.34 -9.04 29.02
N ARG C 212 5.32 -9.92 28.78
CA ARG C 212 5.10 -11.37 28.54
C ARG C 212 4.60 -12.06 29.84
C1 NAG D . 11.34 7.84 -34.79
C2 NAG D . 11.56 8.02 -36.29
C3 NAG D . 12.88 7.39 -36.70
C4 NAG D . 14.02 7.76 -35.76
C5 NAG D . 13.61 7.67 -34.28
C6 NAG D . 14.67 8.17 -33.30
C7 NAG D . 9.60 8.13 -37.75
C8 NAG D . 8.47 7.34 -38.33
N2 NAG D . 10.44 7.44 -36.99
O3 NAG D . 13.24 7.88 -37.99
O4 NAG D . 15.14 6.89 -36.03
O5 NAG D . 12.42 8.43 -34.09
O6 NAG D . 15.22 9.42 -33.68
O7 NAG D . 9.73 9.33 -37.95
H1 NAG D . 11.31 6.75 -34.61
H2 NAG D . 11.61 9.10 -36.49
H3 NAG D . 12.77 6.29 -36.73
H4 NAG D . 14.29 8.80 -35.98
H5 NAG D . 13.42 6.61 -34.05
H61 NAG D . 15.47 7.43 -33.22
H62 NAG D . 14.21 8.26 -32.30
H81 NAG D . 7.95 6.84 -37.55
H82 NAG D . 7.79 7.98 -38.83
H83 NAG D . 8.84 6.62 -39.00
HN2 NAG D . 10.29 6.44 -36.87
HO3 NAG D . 14.18 7.70 -38.17
HO4 NAG D . 14.87 5.98 -35.89
HO6 NAG D . 14.51 10.02 -33.94
C1 NAG D . 16.31 7.45 -36.44
C2 NAG D . 17.46 6.55 -36.03
C3 NAG D . 18.81 7.15 -36.40
C4 NAG D . 18.70 7.69 -37.81
C5 NAG D . 17.71 8.84 -37.85
C6 NAG D . 16.96 8.85 -39.18
C7 NAG D . 16.88 5.09 -34.18
C8 NAG D . 16.93 4.84 -32.70
N2 NAG D . 17.40 6.23 -34.61
O3 NAG D . 19.84 6.16 -36.35
O4 NAG D . 19.97 8.12 -38.29
O5 NAG D . 16.76 8.77 -36.78
O6 NAG D . 16.84 10.21 -39.58
O7 NAG D . 16.38 4.27 -34.95
H1 NAG D . 15.82 7.00 -37.31
H2 NAG D . 17.37 5.61 -36.61
H3 NAG D . 19.04 7.98 -35.70
H4 NAG D . 18.32 6.87 -38.44
H5 NAG D . 18.27 9.78 -37.77
H61 NAG D . 15.97 8.40 -39.07
H62 NAG D . 17.51 8.29 -39.93
H81 NAG D . 16.25 5.48 -32.21
H82 NAG D . 16.68 3.83 -32.51
H83 NAG D . 17.91 5.03 -32.36
HN2 NAG D . 17.81 6.88 -33.96
HO3 NAG D . 20.67 6.47 -36.71
HO4 NAG D . 19.89 8.33 -39.24
HO6 NAG D . 16.83 10.28 -40.27
C1 BMA D . 21.16 8.71 -38.69
C2 BMA D . 21.77 10.08 -39.02
C3 BMA D . 22.77 10.08 -40.20
C4 BMA D . 23.57 8.77 -40.33
C5 BMA D . 22.69 7.55 -40.12
C6 BMA D . 23.49 6.24 -40.21
O2 BMA D . 22.39 10.62 -37.84
O3 BMA D . 23.69 11.19 -40.08
O4 BMA D . 24.19 8.74 -41.63
O5 BMA D . 22.08 7.61 -38.83
O6 BMA D . 23.11 5.33 -39.16
H1 BMA D . 20.85 8.75 -37.63
H2 BMA D . 20.94 10.73 -39.31
H3 BMA D . 22.18 10.19 -41.13
H4 BMA D . 24.36 8.78 -39.55
H5 BMA D . 21.91 7.54 -40.89
H61 BMA D . 24.56 6.46 -40.15
H62 BMA D . 23.30 5.77 -41.18
HO2 BMA D . 21.50 10.55 -37.24
HO3 BMA D . 23.24 12.05 -39.87
HO4 BMA D . 24.91 9.67 -41.77
HO6 BMA D . 22.66 5.87 -38.50
C1 FUC D . 16.09 10.01 -32.80
C2 FUC D . 16.59 11.33 -33.36
C3 FUC D . 15.66 12.49 -33.02
C4 FUC D . 15.26 12.49 -31.55
C5 FUC D . 14.87 11.09 -31.07
C6 FUC D . 14.61 11.06 -29.57
O2 FUC D . 16.71 11.23 -34.79
O3 FUC D . 16.33 13.70 -33.34
O4 FUC D . 16.34 12.96 -30.72
O5 FUC D . 15.90 10.17 -31.39
H1 FUC D . 16.87 9.27 -32.98
H2 FUC D . 17.59 11.55 -32.93
H3 FUC D . 14.75 12.39 -33.63
H4 FUC D . 14.39 13.15 -31.43
H5 FUC D . 13.95 10.80 -31.59
H61 FUC D . 14.09 10.18 -29.32
H62 FUC D . 15.53 11.07 -29.06
H63 FUC D . 14.03 11.90 -29.29
HO2 FUC D . 17.36 10.60 -34.99
HO3 FUC D . 16.58 13.65 -34.19
HO4 FUC D . 16.53 12.13 -30.03
ZN ZN E . 22.31 18.67 -13.07
ZN ZN F . 12.46 -16.35 -18.03
ZN ZN G . -16.79 0.97 16.24
ZN ZN H . -5.92 1.21 -22.94
#